data_7R9T
#
_entry.id   7R9T
#
_cell.length_a   52.257
_cell.length_b   58.272
_cell.length_c   61.677
_cell.angle_alpha   69.910
_cell.angle_beta   66.210
_cell.angle_gamma   68.210
#
_symmetry.space_group_name_H-M   'P 1'
#
loop_
_entity.id
_entity.type
_entity.pdbx_description
1 polymer 'Hematopoietic progenitor kinase'
2 non-polymer "6-amino-3-[(1S,3R)-4'-chloro-3-hydroxy-1',2'-dihydrospiro[cyclopentane-1,3'-pyrrolo[2,3-b]pyridin]-5'-yl]-2-fluoro-N,N-dimethylbenzamide"
3 water water
#
_entity_poly.entity_id   1
_entity_poly.type   'polypeptide(L)'
_entity_poly.pdbx_seq_one_letter_code
;GSDVVDPDIFNRDPRDHYDLLQRLGGGTYGEVFKARDKVSGDLVALKMVKMEPDDDVSTLQKEILILKTCRHANIVAYHG
SYLWLQKLWICMEFCGAGSLQDIYQVTGSLSELQISYVCREVLQGLAYLHSQKKIHRDIKGANILINDAGEVRLADFGIS
AQIGAELARRLEFIGTPYWMAPEVAAVALKGGYNELCDIWSLGITAIELAELQPPLFDVHPLRVLFLMTKSGYQPPRLKE
KGKWSAAFHNFIKVTLTKSPKKRPSATKMLSHQLVSQPGLNRGLILDLLDKLKNGNS
;
_entity_poly.pdbx_strand_id   A,B
#
loop_
_chem_comp.id
_chem_comp.type
_chem_comp.name
_chem_comp.formula
2TR non-polymer 6-amino-3-[(1S,3R)-4'-chloro-3-hydroxy-1',2'-dihydrospiro[cyclopentane-1,3'-pyrrolo[2,3-b]pyridin]-5'-yl]-2-fluoro-N,N-dimethylbenzamide 'C20 H22 Cl F N4 O2'
#
# COMPACT_ATOMS: atom_id res chain seq x y z
N VAL A 4 -17.41 -0.22 -17.03
CA VAL A 4 -18.68 0.27 -16.51
C VAL A 4 -18.65 0.20 -14.98
N VAL A 5 -19.68 0.75 -14.34
CA VAL A 5 -19.68 0.87 -12.89
C VAL A 5 -20.19 -0.39 -12.21
N ASP A 6 -21.17 -1.05 -12.80
CA ASP A 6 -21.73 -2.30 -12.29
C ASP A 6 -22.57 -2.93 -13.39
N PRO A 7 -22.51 -4.25 -13.56
CA PRO A 7 -23.28 -4.89 -14.64
C PRO A 7 -24.76 -5.01 -14.36
N ASP A 8 -25.22 -4.73 -13.14
CA ASP A 8 -26.63 -4.87 -12.77
C ASP A 8 -27.33 -3.54 -12.55
N ILE A 9 -26.70 -2.43 -12.92
CA ILE A 9 -27.31 -1.11 -12.75
C ILE A 9 -28.61 -1.02 -13.52
N PHE A 10 -29.64 -0.42 -12.90
CA PHE A 10 -30.90 -0.11 -13.57
C PHE A 10 -30.71 1.16 -14.39
N ASN A 11 -30.77 1.06 -15.71
CA ASN A 11 -30.64 2.24 -16.58
C ASN A 11 -31.99 2.93 -16.71
N ARG A 12 -32.44 3.51 -15.59
CA ARG A 12 -33.72 4.20 -15.60
C ARG A 12 -33.75 5.25 -14.50
N ASP A 13 -34.64 6.23 -14.69
CA ASP A 13 -34.85 7.31 -13.74
C ASP A 13 -35.37 6.76 -12.41
N PRO A 14 -34.66 6.99 -11.30
CA PRO A 14 -35.18 6.50 -10.01
C PRO A 14 -36.51 7.12 -9.61
N ARG A 15 -36.79 8.35 -10.06
CA ARG A 15 -38.05 9.02 -9.75
C ARG A 15 -39.26 8.32 -10.35
N ASP A 16 -39.07 7.39 -11.28
CA ASP A 16 -40.20 6.58 -11.74
C ASP A 16 -40.61 5.54 -10.72
N HIS A 17 -39.76 5.26 -9.72
CA HIS A 17 -40.06 4.29 -8.68
C HIS A 17 -40.19 4.91 -7.30
N TYR A 18 -39.57 6.06 -7.06
CA TYR A 18 -39.53 6.65 -5.73
C TYR A 18 -39.88 8.13 -5.80
N ASP A 19 -40.64 8.58 -4.80
CA ASP A 19 -40.84 10.00 -4.56
C ASP A 19 -39.78 10.47 -3.57
N LEU A 20 -39.00 11.48 -3.95
CA LEU A 20 -38.00 12.03 -3.05
C LEU A 20 -38.68 12.87 -1.98
N LEU A 21 -38.30 12.66 -0.72
CA LEU A 21 -39.00 13.28 0.40
C LEU A 21 -38.23 14.39 1.07
N GLN A 22 -36.95 14.18 1.39
CA GLN A 22 -36.15 15.15 2.11
C GLN A 22 -34.69 14.70 2.07
N ARG A 23 -33.77 15.65 2.19
CA ARG A 23 -32.36 15.29 2.29
C ARG A 23 -32.03 14.82 3.70
N LEU A 24 -31.07 13.88 3.79
CA LEU A 24 -30.68 13.26 5.04
C LEU A 24 -29.19 13.45 5.30
N GLY A 25 -28.83 13.46 6.58
CA GLY A 25 -27.42 13.39 6.97
C GLY A 25 -26.67 14.71 7.00
N GLY A 26 -27.29 15.81 6.58
CA GLY A 26 -26.62 17.09 6.60
C GLY A 26 -25.49 17.25 5.62
N GLY A 27 -25.27 16.26 4.75
CA GLY A 27 -24.18 16.29 3.80
C GLY A 27 -22.96 15.51 4.22
N THR A 28 -22.95 14.99 5.45
CA THR A 28 -21.80 14.22 5.92
C THR A 28 -21.59 12.96 5.08
N TYR A 29 -22.66 12.39 4.51
CA TYR A 29 -22.58 11.16 3.74
C TYR A 29 -22.73 11.42 2.24
N GLY A 30 -22.59 12.66 1.81
CA GLY A 30 -22.82 13.00 0.42
C GLY A 30 -24.19 13.60 0.20
N GLU A 31 -24.76 13.41 -0.98
CA GLU A 31 -26.11 13.85 -1.27
C GLU A 31 -27.03 12.64 -1.11
N VAL A 32 -27.75 12.59 0.00
CA VAL A 32 -28.59 11.45 0.35
C VAL A 32 -30.02 11.94 0.49
N PHE A 33 -30.95 11.19 -0.09
CA PHE A 33 -32.37 11.53 -0.08
C PHE A 33 -33.17 10.44 0.61
N LYS A 34 -34.12 10.86 1.44
CA LYS A 34 -35.17 9.97 1.92
C LYS A 34 -36.23 9.83 0.83
N ALA A 35 -36.65 8.60 0.55
CA ALA A 35 -37.56 8.36 -0.56
C ALA A 35 -38.55 7.26 -0.19
N ARG A 36 -39.70 7.31 -0.87
CA ARG A 36 -40.81 6.40 -0.62
C ARG A 36 -41.12 5.63 -1.89
N ASP A 37 -41.12 4.31 -1.79
CA ASP A 37 -41.46 3.45 -2.93
C ASP A 37 -42.89 3.73 -3.39
N LYS A 38 -43.08 3.90 -4.69
CA LYS A 38 -44.39 4.29 -5.20
C LYS A 38 -45.39 3.14 -5.20
N VAL A 39 -44.96 1.92 -5.02
CA VAL A 39 -45.87 0.78 -5.06
C VAL A 39 -46.06 0.18 -3.66
N SER A 40 -44.96 -0.05 -2.92
CA SER A 40 -45.08 -0.60 -1.57
C SER A 40 -45.32 0.47 -0.51
N GLY A 41 -44.81 1.69 -0.72
CA GLY A 41 -44.78 2.69 0.33
C GLY A 41 -43.63 2.57 1.31
N ASP A 42 -42.77 1.57 1.15
CA ASP A 42 -41.60 1.43 2.00
C ASP A 42 -40.68 2.64 1.81
N LEU A 43 -39.90 2.90 2.85
CA LEU A 43 -38.93 3.99 2.85
C LEU A 43 -37.55 3.44 2.55
N VAL A 44 -36.77 4.21 1.80
CA VAL A 44 -35.40 3.89 1.44
C VAL A 44 -34.57 5.17 1.53
N ALA A 45 -33.25 5.00 1.49
CA ALA A 45 -32.32 6.11 1.31
C ALA A 45 -31.68 5.98 -0.05
N LEU A 46 -31.63 7.08 -0.79
CA LEU A 46 -31.01 7.13 -2.11
C LEU A 46 -29.82 8.07 -2.05
N LYS A 47 -28.62 7.53 -2.23
CA LYS A 47 -27.41 8.34 -2.33
C LYS A 47 -27.13 8.62 -3.81
N MET A 48 -27.04 9.90 -4.16
CA MET A 48 -26.82 10.31 -5.53
C MET A 48 -25.35 10.70 -5.73
N VAL A 49 -24.72 10.12 -6.74
CA VAL A 49 -23.32 10.40 -7.05
C VAL A 49 -23.22 10.75 -8.54
N LYS A 50 -22.41 11.75 -8.86
CA LYS A 50 -22.23 12.13 -10.25
C LYS A 50 -21.38 11.10 -10.99
N MET A 51 -21.76 10.82 -12.24
CA MET A 51 -21.07 9.83 -13.08
C MET A 51 -20.93 10.40 -14.49
N GLU A 52 -20.10 11.44 -14.61
CA GLU A 52 -19.82 12.06 -15.89
C GLU A 52 -18.98 11.12 -16.76
N PRO A 53 -19.01 11.29 -18.09
CA PRO A 53 -18.48 10.24 -18.98
C PRO A 53 -17.04 9.81 -18.71
N ASP A 54 -16.15 10.75 -18.36
CA ASP A 54 -14.74 10.43 -18.21
C ASP A 54 -14.26 10.53 -16.76
N ASP A 55 -15.15 10.35 -15.80
CA ASP A 55 -14.72 10.22 -14.42
C ASP A 55 -14.25 8.80 -14.15
N ASP A 56 -13.55 8.63 -13.04
CA ASP A 56 -13.15 7.30 -12.62
C ASP A 56 -14.33 6.60 -11.97
N VAL A 57 -14.56 5.34 -12.34
CA VAL A 57 -15.66 4.55 -11.81
C VAL A 57 -15.19 3.44 -10.91
N SER A 58 -13.87 3.27 -10.75
CA SER A 58 -13.34 2.08 -10.11
C SER A 58 -13.76 1.99 -8.65
N THR A 59 -13.66 3.10 -7.92
CA THR A 59 -14.03 3.08 -6.51
C THR A 59 -15.53 2.86 -6.34
N LEU A 60 -16.34 3.54 -7.16
CA LEU A 60 -17.78 3.33 -7.12
C LEU A 60 -18.15 1.89 -7.48
N GLN A 61 -17.43 1.31 -8.46
CA GLN A 61 -17.68 -0.08 -8.82
C GLN A 61 -17.41 -1.00 -7.63
N LYS A 62 -16.30 -0.78 -6.92
CA LYS A 62 -16.00 -1.62 -5.77
C LYS A 62 -17.05 -1.48 -4.68
N GLU A 63 -17.57 -0.25 -4.49
CA GLU A 63 -18.55 -0.04 -3.43
C GLU A 63 -19.85 -0.77 -3.71
N ILE A 64 -20.31 -0.75 -4.96
CA ILE A 64 -21.54 -1.46 -5.31
C ILE A 64 -21.32 -2.97 -5.22
N LEU A 65 -20.15 -3.44 -5.66
CA LEU A 65 -19.82 -4.86 -5.57
C LEU A 65 -19.85 -5.34 -4.12
N ILE A 66 -19.35 -4.53 -3.20
CA ILE A 66 -19.40 -4.89 -1.78
C ILE A 66 -20.85 -4.92 -1.29
N LEU A 67 -21.62 -3.89 -1.64
CA LEU A 67 -22.98 -3.77 -1.12
C LEU A 67 -23.88 -4.89 -1.63
N LYS A 68 -23.81 -5.21 -2.91
CA LYS A 68 -24.78 -6.12 -3.51
C LYS A 68 -24.50 -7.59 -3.19
N THR A 69 -23.37 -7.90 -2.57
CA THR A 69 -23.07 -9.26 -2.14
C THR A 69 -23.16 -9.43 -0.63
N CYS A 70 -23.78 -8.48 0.06
CA CYS A 70 -24.07 -8.59 1.48
C CYS A 70 -25.56 -8.84 1.66
N ARG A 71 -25.90 -9.82 2.51
CA ARG A 71 -27.28 -10.13 2.87
C ARG A 71 -27.23 -10.60 4.33
N HIS A 72 -27.09 -9.64 5.23
CA HIS A 72 -27.05 -9.90 6.66
C HIS A 72 -27.81 -8.79 7.37
N ALA A 73 -28.50 -9.16 8.46
CA ALA A 73 -29.38 -8.23 9.14
C ALA A 73 -28.64 -6.98 9.62
N ASN A 74 -27.39 -7.12 10.06
CA ASN A 74 -26.64 -6.02 10.65
C ASN A 74 -25.82 -5.25 9.62
N ILE A 75 -26.12 -5.40 8.34
CA ILE A 75 -25.52 -4.61 7.27
C ILE A 75 -26.64 -3.93 6.51
N VAL A 76 -26.46 -2.65 6.19
CA VAL A 76 -27.50 -1.90 5.49
C VAL A 76 -27.87 -2.62 4.21
N ALA A 77 -29.17 -2.88 4.03
CA ALA A 77 -29.63 -3.64 2.88
C ALA A 77 -29.48 -2.84 1.59
N TYR A 78 -29.25 -3.56 0.49
CA TYR A 78 -29.00 -2.95 -0.81
C TYR A 78 -30.11 -3.32 -1.77
N HIS A 79 -30.70 -2.32 -2.43
CA HIS A 79 -31.84 -2.52 -3.31
C HIS A 79 -31.52 -2.22 -4.77
N GLY A 80 -30.26 -2.04 -5.13
CA GLY A 80 -29.89 -1.75 -6.49
C GLY A 80 -29.51 -0.29 -6.67
N SER A 81 -28.97 -0.01 -7.86
CA SER A 81 -28.52 1.32 -8.22
C SER A 81 -29.14 1.73 -9.56
N TYR A 82 -29.32 3.04 -9.74
CA TYR A 82 -29.94 3.62 -10.91
C TYR A 82 -28.95 4.58 -11.56
N LEU A 83 -28.70 4.39 -12.85
CA LEU A 83 -27.89 5.32 -13.63
C LEU A 83 -28.81 6.07 -14.58
N TRP A 84 -28.89 7.39 -14.41
CA TRP A 84 -29.81 8.21 -15.19
C TRP A 84 -29.20 9.59 -15.37
N LEU A 85 -28.87 9.93 -16.61
CA LEU A 85 -28.35 11.24 -16.97
C LEU A 85 -27.13 11.62 -16.15
N GLN A 86 -26.13 10.73 -16.19
CA GLN A 86 -24.84 10.92 -15.52
C GLN A 86 -24.99 11.13 -14.01
N LYS A 87 -26.01 10.51 -13.42
CA LYS A 87 -26.16 10.49 -11.97
C LYS A 87 -26.40 9.05 -11.54
N LEU A 88 -25.63 8.61 -10.54
CA LEU A 88 -25.78 7.27 -9.96
C LEU A 88 -26.53 7.40 -8.64
N TRP A 89 -27.65 6.69 -8.53
CA TRP A 89 -28.46 6.66 -7.32
C TRP A 89 -28.35 5.28 -6.71
N ILE A 90 -27.79 5.20 -5.51
CA ILE A 90 -27.63 3.95 -4.78
C ILE A 90 -28.77 3.82 -3.79
N CYS A 91 -29.59 2.78 -3.94
CA CYS A 91 -30.79 2.59 -3.13
C CYS A 91 -30.48 1.65 -1.96
N MET A 92 -30.69 2.14 -0.74
CA MET A 92 -30.32 1.39 0.45
C MET A 92 -31.41 1.48 1.50
N GLU A 93 -31.31 0.60 2.48
CA GLU A 93 -32.23 0.60 3.62
C GLU A 93 -32.14 1.92 4.38
N PHE A 94 -33.29 2.45 4.76
CA PHE A 94 -33.38 3.71 5.47
C PHE A 94 -33.37 3.47 6.98
N CYS A 95 -32.43 4.11 7.67
CA CYS A 95 -32.27 3.97 9.12
C CYS A 95 -32.73 5.27 9.78
N GLY A 96 -33.96 5.25 10.29
CA GLY A 96 -34.69 6.46 10.65
C GLY A 96 -34.13 7.24 11.83
N ALA A 97 -33.23 6.65 12.62
CA ALA A 97 -32.64 7.37 13.75
C ALA A 97 -31.27 7.94 13.44
N GLY A 98 -30.79 7.81 12.19
CA GLY A 98 -29.47 8.31 11.88
C GLY A 98 -28.36 7.43 12.45
N SER A 99 -27.18 8.01 12.56
CA SER A 99 -26.04 7.29 13.12
C SER A 99 -25.96 7.47 14.62
N LEU A 100 -25.18 6.61 15.28
CA LEU A 100 -24.95 6.76 16.71
C LEU A 100 -24.32 8.10 17.04
N GLN A 101 -23.46 8.62 16.15
CA GLN A 101 -22.88 9.94 16.38
C GLN A 101 -23.96 11.03 16.40
N ASP A 102 -24.90 10.96 15.46
CA ASP A 102 -26.03 11.88 15.48
C ASP A 102 -26.76 11.83 16.82
N ILE A 103 -26.86 10.63 17.41
CA ILE A 103 -27.66 10.43 18.61
C ILE A 103 -26.92 10.90 19.85
N TYR A 104 -25.68 10.46 20.06
CA TYR A 104 -25.01 10.81 21.30
C TYR A 104 -24.57 12.27 21.34
N GLN A 105 -24.50 12.94 20.19
CA GLN A 105 -24.27 14.38 20.18
C GLN A 105 -25.42 15.14 20.81
N VAL A 106 -26.57 14.49 20.99
CA VAL A 106 -27.71 15.08 21.68
C VAL A 106 -27.89 14.48 23.07
N THR A 107 -27.85 13.14 23.15
CA THR A 107 -28.14 12.45 24.41
C THR A 107 -26.96 12.45 25.38
N GLY A 108 -25.75 12.59 24.89
CA GLY A 108 -24.61 12.32 25.73
C GLY A 108 -24.26 10.84 25.72
N SER A 109 -23.36 10.48 26.62
CA SER A 109 -22.73 9.16 26.57
C SER A 109 -23.76 8.05 26.77
N LEU A 110 -23.53 6.92 26.09
CA LEU A 110 -24.41 5.77 26.20
C LEU A 110 -24.11 4.97 27.47
N SER A 111 -25.13 4.28 27.97
CA SER A 111 -24.93 3.38 29.10
C SER A 111 -24.11 2.17 28.67
N GLU A 112 -23.50 1.52 29.65
CA GLU A 112 -22.67 0.35 29.34
C GLU A 112 -23.49 -0.74 28.66
N LEU A 113 -24.73 -0.95 29.09
CA LEU A 113 -25.60 -1.95 28.46
C LEU A 113 -25.94 -1.57 27.02
N GLN A 114 -26.21 -0.29 26.77
CA GLN A 114 -26.45 0.15 25.40
C GLN A 114 -25.21 -0.06 24.53
N ILE A 115 -24.03 0.24 25.07
CA ILE A 115 -22.78 0.00 24.35
C ILE A 115 -22.56 -1.49 24.11
N SER A 116 -22.98 -2.33 25.07
CA SER A 116 -22.81 -3.78 24.92
C SER A 116 -23.68 -4.33 23.80
N TYR A 117 -24.95 -3.90 23.76
CA TYR A 117 -25.84 -4.30 22.66
C TYR A 117 -25.29 -3.85 21.32
N VAL A 118 -24.89 -2.57 21.21
CA VAL A 118 -24.30 -2.07 19.97
C VAL A 118 -23.11 -2.92 19.56
N CYS A 119 -22.22 -3.21 20.52
CA CYS A 119 -21.00 -3.95 20.20
C CYS A 119 -21.31 -5.35 19.70
N ARG A 120 -22.27 -6.03 20.34
CA ARG A 120 -22.67 -7.35 19.86
C ARG A 120 -23.19 -7.29 18.43
N GLU A 121 -24.04 -6.30 18.13
CA GLU A 121 -24.64 -6.22 16.80
C GLU A 121 -23.59 -5.92 15.74
N VAL A 122 -22.64 -5.04 16.06
CA VAL A 122 -21.57 -4.77 15.11
C VAL A 122 -20.71 -6.02 14.91
N LEU A 123 -20.38 -6.71 16.01
CA LEU A 123 -19.58 -7.93 15.89
C LEU A 123 -20.28 -8.97 15.02
N GLN A 124 -21.59 -9.06 15.11
CA GLN A 124 -22.34 -9.96 14.24
C GLN A 124 -22.16 -9.56 12.78
N GLY A 125 -22.29 -8.25 12.50
CA GLY A 125 -22.05 -7.78 11.14
C GLY A 125 -20.62 -8.02 10.68
N LEU A 126 -19.64 -7.81 11.58
CA LEU A 126 -18.25 -8.00 11.22
C LEU A 126 -17.92 -9.48 10.98
N ALA A 127 -18.46 -10.37 11.82
CA ALA A 127 -18.21 -11.80 11.60
C ALA A 127 -18.69 -12.23 10.21
N TYR A 128 -19.85 -11.72 9.79
CA TYR A 128 -20.36 -12.04 8.46
C TYR A 128 -19.45 -11.48 7.36
N LEU A 129 -19.07 -10.20 7.47
CA LEU A 129 -18.18 -9.61 6.48
C LEU A 129 -16.86 -10.37 6.40
N HIS A 130 -16.27 -10.66 7.56
CA HIS A 130 -15.00 -11.39 7.58
C HIS A 130 -15.14 -12.79 7.01
N SER A 131 -16.31 -13.42 7.18
CA SER A 131 -16.56 -14.72 6.58
C SER A 131 -16.64 -14.66 5.07
N GLN A 132 -16.87 -13.47 4.50
CA GLN A 132 -16.84 -13.26 3.06
C GLN A 132 -15.49 -12.76 2.57
N LYS A 133 -14.50 -12.62 3.46
CA LYS A 133 -13.20 -12.05 3.14
C LYS A 133 -13.29 -10.57 2.78
N LYS A 134 -14.26 -9.87 3.38
CA LYS A 134 -14.39 -8.43 3.28
C LYS A 134 -13.90 -7.75 4.55
N ILE A 135 -13.51 -6.49 4.43
CA ILE A 135 -13.03 -5.68 5.54
C ILE A 135 -13.76 -4.35 5.49
N HIS A 136 -14.42 -3.97 6.59
CA HIS A 136 -15.10 -2.68 6.62
C HIS A 136 -14.11 -1.54 6.59
N ARG A 137 -13.22 -1.49 7.59
CA ARG A 137 -12.04 -0.62 7.65
C ARG A 137 -12.41 0.82 8.02
N ASP A 138 -13.68 1.10 8.30
CA ASP A 138 -14.08 2.43 8.76
C ASP A 138 -15.17 2.31 9.82
N ILE A 139 -14.93 1.45 10.80
CA ILE A 139 -15.87 1.26 11.91
C ILE A 139 -15.76 2.44 12.86
N LYS A 140 -16.87 3.13 13.09
CA LYS A 140 -16.93 4.32 13.93
C LYS A 140 -18.40 4.63 14.18
N GLY A 141 -18.66 5.50 15.15
CA GLY A 141 -20.03 5.85 15.48
C GLY A 141 -20.81 6.39 14.29
N ALA A 142 -20.14 7.15 13.42
CA ALA A 142 -20.81 7.74 12.28
C ALA A 142 -21.28 6.71 11.26
N ASN A 143 -20.66 5.52 11.23
CA ASN A 143 -21.01 4.51 10.26
C ASN A 143 -21.80 3.35 10.88
N ILE A 144 -22.29 3.53 12.10
CA ILE A 144 -23.22 2.59 12.73
C ILE A 144 -24.57 3.27 12.77
N LEU A 145 -25.50 2.81 11.93
CA LEU A 145 -26.81 3.42 11.82
C LEU A 145 -27.84 2.67 12.67
N ILE A 146 -28.91 3.39 13.03
CA ILE A 146 -29.97 2.90 13.90
C ILE A 146 -31.30 3.18 13.24
N ASN A 147 -32.17 2.16 13.17
CA ASN A 147 -33.50 2.39 12.60
C ASN A 147 -34.48 2.74 13.71
N ASP A 148 -35.73 3.00 13.32
CA ASP A 148 -36.74 3.39 14.29
C ASP A 148 -37.11 2.27 15.26
N ALA A 149 -36.72 1.03 14.96
CA ALA A 149 -36.97 -0.10 15.87
C ALA A 149 -35.83 -0.31 16.86
N GLY A 150 -34.77 0.49 16.79
CA GLY A 150 -33.62 0.30 17.66
C GLY A 150 -32.62 -0.72 17.18
N GLU A 151 -32.76 -1.19 15.94
CA GLU A 151 -31.82 -2.15 15.39
C GLU A 151 -30.58 -1.43 14.87
N VAL A 152 -29.52 -2.21 14.64
CA VAL A 152 -28.18 -1.67 14.37
C VAL A 152 -27.73 -2.14 12.99
N ARG A 153 -27.25 -1.20 12.17
CA ARG A 153 -26.88 -1.50 10.79
C ARG A 153 -25.53 -0.86 10.47
N LEU A 154 -24.56 -1.67 10.03
CA LEU A 154 -23.31 -1.13 9.53
C LEU A 154 -23.52 -0.51 8.15
N ALA A 155 -22.87 0.62 7.89
CA ALA A 155 -23.07 1.34 6.65
C ALA A 155 -21.77 1.97 6.17
N ASP A 156 -21.83 2.50 4.94
CA ASP A 156 -20.77 3.28 4.31
C ASP A 156 -19.50 2.48 4.08
N PHE A 157 -19.46 1.74 2.97
CA PHE A 157 -18.28 1.01 2.55
C PHE A 157 -17.40 1.83 1.61
N GLY A 158 -17.40 3.16 1.75
CA GLY A 158 -16.62 3.98 0.84
C GLY A 158 -15.12 3.82 1.04
N ILE A 159 -14.67 3.79 2.30
CA ILE A 159 -13.27 3.53 2.59
C ILE A 159 -12.89 2.13 2.11
N SER A 160 -13.73 1.13 2.41
CA SER A 160 -13.44 -0.23 1.95
C SER A 160 -13.34 -0.29 0.43
N ALA A 161 -14.21 0.45 -0.27
CA ALA A 161 -14.14 0.47 -1.73
C ALA A 161 -12.89 1.21 -2.19
N GLN A 162 -12.51 2.27 -1.49
CA GLN A 162 -11.30 3.01 -1.80
C GLN A 162 -10.08 2.10 -1.79
N ILE A 163 -9.98 1.23 -0.78
CA ILE A 163 -8.83 0.35 -0.64
C ILE A 163 -8.87 -0.78 -1.66
N GLY A 164 -10.06 -1.34 -1.91
CA GLY A 164 -10.17 -2.32 -2.98
C GLY A 164 -9.72 -1.77 -4.32
N ALA A 165 -10.04 -0.49 -4.58
CA ALA A 165 -9.64 0.14 -5.84
C ALA A 165 -8.13 0.35 -5.90
N GLU A 166 -7.51 0.73 -4.78
CA GLU A 166 -6.05 0.81 -4.74
C GLU A 166 -5.43 -0.55 -5.03
N LEU A 167 -5.94 -1.59 -4.35
CA LEU A 167 -5.41 -2.94 -4.53
C LEU A 167 -5.42 -3.34 -6.00
N ALA A 168 -6.53 -3.05 -6.69
CA ALA A 168 -6.64 -3.43 -8.10
C ALA A 168 -5.68 -2.64 -8.98
N ARG A 169 -5.56 -1.33 -8.73
CA ARG A 169 -4.65 -0.50 -9.52
C ARG A 169 -3.21 -0.91 -9.31
N ARG A 170 -2.75 -0.90 -8.05
CA ARG A 170 -1.37 -1.25 -7.76
C ARG A 170 -1.04 -2.65 -8.28
N LEU A 171 -2.02 -3.55 -8.32
CA LEU A 171 -1.79 -4.87 -8.89
C LEU A 171 -1.73 -4.81 -10.42
N GLU A 172 -2.55 -3.95 -11.02
CA GLU A 172 -2.56 -3.86 -12.48
C GLU A 172 -1.25 -3.32 -13.02
N PHE A 173 -0.56 -2.47 -12.27
CA PHE A 173 0.72 -1.90 -12.68
C PHE A 173 1.83 -2.30 -11.72
N ILE A 174 1.85 -3.57 -11.30
CA ILE A 174 2.91 -4.03 -10.42
C ILE A 174 4.17 -4.37 -11.20
N GLY A 175 4.03 -4.75 -12.47
CA GLY A 175 5.18 -5.07 -13.29
C GLY A 175 5.69 -6.48 -13.04
N THR A 176 6.82 -6.78 -13.65
CA THR A 176 7.38 -8.12 -13.57
C THR A 176 7.81 -8.42 -12.13
N PRO A 177 7.48 -9.61 -11.59
CA PRO A 177 7.68 -9.86 -10.15
C PRO A 177 8.84 -10.77 -9.81
N TYR A 178 9.62 -11.19 -10.81
CA TYR A 178 10.60 -12.24 -10.59
C TYR A 178 11.70 -11.82 -9.61
N TRP A 179 11.94 -10.51 -9.45
CA TRP A 179 13.00 -10.03 -8.57
C TRP A 179 12.49 -9.50 -7.24
N MET A 180 11.18 -9.39 -7.04
CA MET A 180 10.68 -8.68 -5.86
C MET A 180 10.45 -9.64 -4.69
N ALA A 181 10.65 -9.11 -3.48
CA ALA A 181 10.63 -9.91 -2.29
C ALA A 181 9.20 -10.36 -1.96
N PRO A 182 9.04 -11.48 -1.27
CA PRO A 182 7.67 -11.95 -0.95
C PRO A 182 6.84 -10.92 -0.23
N GLU A 183 7.43 -10.21 0.76
CA GLU A 183 6.66 -9.23 1.52
C GLU A 183 6.23 -8.05 0.65
N VAL A 184 6.98 -7.73 -0.41
CA VAL A 184 6.55 -6.67 -1.32
C VAL A 184 5.37 -7.13 -2.15
N ALA A 185 5.39 -8.38 -2.62
CA ALA A 185 4.25 -8.92 -3.34
C ALA A 185 3.02 -8.98 -2.46
N ALA A 186 3.21 -9.30 -1.17
CA ALA A 186 2.07 -9.47 -0.27
C ALA A 186 1.39 -8.15 0.04
N VAL A 187 2.16 -7.08 0.24
CA VAL A 187 1.56 -5.76 0.43
C VAL A 187 0.82 -5.33 -0.83
N ALA A 188 1.36 -5.70 -2.01
CA ALA A 188 0.74 -5.29 -3.26
C ALA A 188 -0.56 -6.04 -3.53
N LEU A 189 -0.67 -7.28 -3.07
CA LEU A 189 -1.87 -8.09 -3.29
C LEU A 189 -2.85 -8.05 -2.13
N LYS A 190 -2.36 -8.05 -0.89
CA LYS A 190 -3.23 -8.16 0.28
C LYS A 190 -3.38 -6.88 1.08
N GLY A 191 -2.43 -5.95 1.00
CA GLY A 191 -2.59 -4.63 1.58
C GLY A 191 -1.73 -4.33 2.79
N GLY A 192 -1.18 -5.34 3.44
CA GLY A 192 -0.33 -5.12 4.59
C GLY A 192 -0.99 -5.28 5.94
N TYR A 193 -2.30 -5.55 5.97
CA TYR A 193 -3.01 -5.85 7.21
C TYR A 193 -4.22 -6.71 6.85
N ASN A 194 -5.01 -7.07 7.85
CA ASN A 194 -6.12 -7.99 7.63
C ASN A 194 -7.36 -7.49 8.36
N GLU A 195 -8.41 -8.31 8.35
CA GLU A 195 -9.72 -7.92 8.86
C GLU A 195 -9.72 -7.60 10.35
N LEU A 196 -8.67 -7.96 11.08
CA LEU A 196 -8.63 -7.70 12.51
C LEU A 196 -8.49 -6.22 12.83
N CYS A 197 -8.18 -5.38 11.86
CA CYS A 197 -8.23 -3.93 12.08
C CYS A 197 -9.63 -3.48 12.45
N ASP A 198 -10.67 -4.20 11.98
CA ASP A 198 -12.04 -3.87 12.34
C ASP A 198 -12.28 -4.08 13.83
N ILE A 199 -11.61 -5.06 14.43
CA ILE A 199 -11.79 -5.33 15.85
C ILE A 199 -11.22 -4.19 16.69
N TRP A 200 -10.07 -3.65 16.27
CA TRP A 200 -9.49 -2.49 16.94
C TRP A 200 -10.42 -1.28 16.83
N SER A 201 -10.95 -1.04 15.62
CA SER A 201 -11.84 0.10 15.42
C SER A 201 -13.10 0.01 16.27
N LEU A 202 -13.61 -1.20 16.49
CA LEU A 202 -14.77 -1.33 17.38
C LEU A 202 -14.40 -0.99 18.81
N GLY A 203 -13.20 -1.39 19.24
CA GLY A 203 -12.74 -0.99 20.57
C GLY A 203 -12.71 0.52 20.73
N ILE A 204 -12.18 1.23 19.73
CA ILE A 204 -12.18 2.69 19.77
C ILE A 204 -13.61 3.22 19.75
N THR A 205 -14.46 2.63 18.91
CA THR A 205 -15.85 3.07 18.84
C THR A 205 -16.56 2.88 20.18
N ALA A 206 -16.24 1.81 20.90
CA ALA A 206 -16.83 1.62 22.22
C ALA A 206 -16.45 2.76 23.15
N ILE A 207 -15.19 3.20 23.11
CA ILE A 207 -14.78 4.36 23.90
C ILE A 207 -15.49 5.62 23.40
N GLU A 208 -15.61 5.76 22.08
CA GLU A 208 -16.34 6.89 21.50
C GLU A 208 -17.74 7.00 22.07
N LEU A 209 -18.45 5.87 22.16
CA LEU A 209 -19.82 5.89 22.68
C LEU A 209 -19.85 6.18 24.17
N ALA A 210 -18.82 5.75 24.91
CA ALA A 210 -18.74 6.01 26.34
C ALA A 210 -18.33 7.44 26.64
N GLU A 211 -17.50 8.07 25.81
CA GLU A 211 -16.88 9.35 26.17
C GLU A 211 -17.12 10.49 25.18
N LEU A 212 -17.77 10.25 24.04
CA LEU A 212 -18.21 11.22 23.02
C LEU A 212 -17.06 11.68 22.12
N GLN A 213 -15.83 11.18 22.32
CA GLN A 213 -14.71 11.40 21.42
C GLN A 213 -13.86 10.15 21.45
N PRO A 214 -13.24 9.78 20.33
CA PRO A 214 -12.22 8.73 20.37
C PRO A 214 -11.01 9.22 21.14
N PRO A 215 -10.18 8.32 21.66
CA PRO A 215 -8.98 8.76 22.37
C PRO A 215 -8.09 9.59 21.45
N LEU A 216 -7.44 10.60 22.03
CA LEU A 216 -6.52 11.50 21.33
C LEU A 216 -7.21 12.32 20.24
N PHE A 217 -8.52 12.55 20.37
CA PHE A 217 -9.25 13.35 19.38
C PHE A 217 -8.68 14.75 19.25
N ASP A 218 -8.08 15.29 20.30
CA ASP A 218 -7.56 16.64 20.30
C ASP A 218 -6.06 16.70 20.01
N VAL A 219 -5.50 15.63 19.44
CA VAL A 219 -4.10 15.57 19.07
C VAL A 219 -4.02 15.59 17.54
N HIS A 220 -3.02 16.28 17.01
CA HIS A 220 -2.90 16.45 15.56
C HIS A 220 -2.84 15.07 14.89
N PRO A 221 -3.58 14.86 13.79
CA PRO A 221 -3.70 13.51 13.23
C PRO A 221 -2.39 12.90 12.77
N LEU A 222 -1.46 13.70 12.25
CA LEU A 222 -0.17 13.13 11.85
C LEU A 222 0.67 12.74 13.07
N ARG A 223 0.52 13.46 14.19
CA ARG A 223 1.19 13.08 15.42
C ARG A 223 0.62 11.77 15.96
N VAL A 224 -0.71 11.58 15.89
CA VAL A 224 -1.31 10.34 16.36
C VAL A 224 -0.81 9.16 15.52
N LEU A 225 -0.79 9.33 14.19
CA LEU A 225 -0.27 8.27 13.33
C LEU A 225 1.16 7.89 13.71
N PHE A 226 2.01 8.89 13.94
CA PHE A 226 3.41 8.62 14.28
C PHE A 226 3.53 7.88 15.61
N LEU A 227 2.73 8.26 16.61
CA LEU A 227 2.82 7.61 17.91
C LEU A 227 2.45 6.14 17.83
N MET A 228 1.55 5.77 16.92
CA MET A 228 1.15 4.38 16.79
C MET A 228 2.25 3.50 16.19
N THR A 229 3.26 4.09 15.56
CA THR A 229 4.34 3.33 14.95
C THR A 229 5.55 3.18 15.85
N LYS A 230 5.52 3.75 17.05
CA LYS A 230 6.65 3.63 17.97
C LYS A 230 6.58 2.31 18.71
N SER A 231 7.76 1.79 19.10
CA SER A 231 7.83 0.47 19.72
C SER A 231 7.05 0.42 21.02
N GLY A 232 7.13 1.48 21.83
CA GLY A 232 6.50 1.47 23.14
C GLY A 232 5.09 2.00 23.17
N TYR A 233 4.43 2.02 22.01
CA TYR A 233 3.08 2.56 21.92
C TYR A 233 2.12 1.78 22.82
N GLN A 234 1.32 2.52 23.59
CA GLN A 234 0.38 1.91 24.52
C GLN A 234 -1.05 2.09 24.02
N PRO A 235 -1.82 1.00 23.90
CA PRO A 235 -3.21 1.13 23.48
C PRO A 235 -3.97 2.01 24.45
N PRO A 236 -4.99 2.72 23.98
CA PRO A 236 -5.75 3.61 24.86
C PRO A 236 -6.64 2.83 25.82
N ARG A 237 -7.20 3.56 26.77
CA ARG A 237 -8.07 3.02 27.81
C ARG A 237 -9.23 3.97 28.05
N LEU A 238 -10.27 3.46 28.71
CA LEU A 238 -11.38 4.31 29.13
C LEU A 238 -10.90 5.32 30.18
N LYS A 239 -11.50 6.50 30.15
CA LYS A 239 -11.04 7.59 31.01
C LYS A 239 -11.48 7.38 32.46
N GLU A 240 -12.77 7.13 32.70
CA GLU A 240 -13.34 7.04 34.06
C GLU A 240 -13.34 5.59 34.50
N LYS A 241 -12.40 5.22 35.37
CA LYS A 241 -12.27 3.81 35.76
C LYS A 241 -13.52 3.32 36.49
N GLY A 242 -14.01 4.09 37.46
CA GLY A 242 -15.11 3.66 38.30
C GLY A 242 -16.47 3.69 37.64
N LYS A 243 -16.57 4.28 36.45
CA LYS A 243 -17.85 4.36 35.76
C LYS A 243 -18.19 3.08 35.02
N TRP A 244 -17.21 2.25 34.71
CA TRP A 244 -17.41 1.08 33.86
C TRP A 244 -16.96 -0.17 34.59
N SER A 245 -17.67 -1.26 34.34
CA SER A 245 -17.36 -2.53 34.99
C SER A 245 -16.05 -3.12 34.44
N ALA A 246 -15.48 -4.06 35.19
CA ALA A 246 -14.28 -4.74 34.73
C ALA A 246 -14.51 -5.47 33.41
N ALA A 247 -15.75 -5.90 33.15
CA ALA A 247 -16.06 -6.55 31.89
C ALA A 247 -15.86 -5.60 30.72
N PHE A 248 -16.39 -4.38 30.84
CA PHE A 248 -16.18 -3.37 29.81
C PHE A 248 -14.69 -3.02 29.67
N HIS A 249 -14.01 -2.82 30.80
CA HIS A 249 -12.57 -2.54 30.74
C HIS A 249 -11.81 -3.66 30.04
N ASN A 250 -12.19 -4.92 30.33
CA ASN A 250 -11.51 -6.04 29.69
C ASN A 250 -11.85 -6.11 28.21
N PHE A 251 -13.11 -5.86 27.85
CA PHE A 251 -13.50 -5.75 26.45
C PHE A 251 -12.60 -4.79 25.70
N ILE A 252 -12.35 -3.62 26.29
CA ILE A 252 -11.47 -2.65 25.65
C ILE A 252 -10.05 -3.19 25.55
N LYS A 253 -9.56 -3.82 26.62
CA LYS A 253 -8.19 -4.32 26.62
C LYS A 253 -7.95 -5.32 25.49
N VAL A 254 -8.89 -6.23 25.26
CA VAL A 254 -8.64 -7.29 24.29
C VAL A 254 -8.93 -6.84 22.86
N THR A 255 -9.95 -6.01 22.63
CA THR A 255 -10.16 -5.51 21.27
C THR A 255 -8.99 -4.64 20.83
N LEU A 256 -8.48 -3.81 21.73
CA LEU A 256 -7.30 -2.98 21.47
C LEU A 256 -6.00 -3.70 21.76
N THR A 257 -5.91 -4.99 21.43
CA THR A 257 -4.63 -5.67 21.44
C THR A 257 -3.75 -5.11 20.34
N LYS A 258 -2.53 -4.68 20.71
CA LYS A 258 -1.68 -3.97 19.76
C LYS A 258 -1.27 -4.86 18.59
N SER A 259 -0.78 -6.07 18.90
CA SER A 259 -0.31 -6.97 17.86
C SER A 259 -1.49 -7.62 17.15
N PRO A 260 -1.64 -7.45 15.84
CA PRO A 260 -2.76 -8.10 15.15
C PRO A 260 -2.71 -9.62 15.21
N LYS A 261 -1.52 -10.21 15.40
CA LYS A 261 -1.41 -11.65 15.53
C LYS A 261 -2.14 -12.17 16.77
N LYS A 262 -2.34 -11.32 17.77
CA LYS A 262 -2.94 -11.73 19.03
C LYS A 262 -4.31 -11.12 19.28
N ARG A 263 -4.85 -10.37 18.33
CA ARG A 263 -6.12 -9.68 18.54
C ARG A 263 -7.28 -10.64 18.25
N PRO A 264 -8.26 -10.76 19.14
CA PRO A 264 -9.33 -11.73 18.92
C PRO A 264 -10.14 -11.39 17.68
N SER A 265 -10.59 -12.43 16.99
CA SER A 265 -11.47 -12.28 15.84
C SER A 265 -12.89 -11.94 16.30
N ALA A 266 -13.74 -11.58 15.34
CA ALA A 266 -15.09 -11.17 15.66
C ALA A 266 -15.89 -12.32 16.26
N THR A 267 -15.71 -13.53 15.74
CA THR A 267 -16.41 -14.68 16.32
C THR A 267 -15.97 -14.92 17.76
N LYS A 268 -14.66 -14.77 18.04
CA LYS A 268 -14.18 -14.94 19.41
C LYS A 268 -14.71 -13.84 20.32
N MET A 269 -14.74 -12.59 19.82
CA MET A 269 -15.24 -11.49 20.65
C MET A 269 -16.70 -11.67 21.00
N LEU A 270 -17.49 -12.32 20.14
CA LEU A 270 -18.90 -12.56 20.44
C LEU A 270 -19.09 -13.39 21.70
N SER A 271 -18.09 -14.16 22.11
CA SER A 271 -18.14 -14.93 23.35
C SER A 271 -17.69 -14.14 24.57
N HIS A 272 -17.27 -12.89 24.39
CA HIS A 272 -16.83 -12.09 25.53
C HIS A 272 -17.99 -11.80 26.47
N GLN A 273 -17.66 -11.69 27.77
CA GLN A 273 -18.66 -11.48 28.81
C GLN A 273 -19.53 -10.27 28.51
N LEU A 274 -18.95 -9.22 27.93
CA LEU A 274 -19.67 -7.96 27.78
C LEU A 274 -20.83 -8.07 26.80
N VAL A 275 -20.63 -8.80 25.69
CA VAL A 275 -21.63 -8.87 24.63
C VAL A 275 -22.44 -10.16 24.64
N SER A 276 -22.11 -11.12 25.50
CA SER A 276 -22.92 -12.32 25.64
C SER A 276 -23.79 -12.31 26.88
N GLN A 277 -23.79 -11.21 27.64
CA GLN A 277 -24.64 -11.14 28.82
C GLN A 277 -26.11 -11.06 28.42
N PRO A 278 -27.03 -11.47 29.29
CA PRO A 278 -28.44 -11.42 28.95
C PRO A 278 -29.01 -10.01 29.08
N GLY A 279 -30.15 -9.80 28.42
CA GLY A 279 -30.83 -8.53 28.47
C GLY A 279 -30.43 -7.53 27.41
N LEU A 280 -29.56 -7.92 26.47
CA LEU A 280 -29.18 -7.05 25.36
C LEU A 280 -30.19 -7.23 24.23
N ASN A 281 -31.01 -6.21 24.00
CA ASN A 281 -31.99 -6.25 22.93
C ASN A 281 -32.27 -4.82 22.49
N ARG A 282 -33.05 -4.68 21.41
CA ARG A 282 -33.26 -3.37 20.82
C ARG A 282 -34.03 -2.42 21.74
N GLY A 283 -34.69 -2.93 22.78
CA GLY A 283 -35.32 -2.05 23.75
C GLY A 283 -34.35 -1.08 24.39
N LEU A 284 -33.10 -1.50 24.59
CA LEU A 284 -32.11 -0.61 25.17
C LEU A 284 -31.87 0.62 24.30
N ILE A 285 -31.88 0.44 22.98
CA ILE A 285 -31.69 1.59 22.09
C ILE A 285 -32.98 2.39 21.94
N LEU A 286 -34.14 1.74 22.05
CA LEU A 286 -35.39 2.48 22.10
C LEU A 286 -35.43 3.41 23.32
N ASP A 287 -34.88 2.96 24.44
CA ASP A 287 -34.72 3.85 25.59
C ASP A 287 -33.87 5.06 25.22
N LEU A 288 -32.74 4.82 24.54
CA LEU A 288 -31.89 5.91 24.07
C LEU A 288 -32.65 6.84 23.15
N LEU A 289 -33.41 6.28 22.21
CA LEU A 289 -34.18 7.12 21.31
C LEU A 289 -35.25 7.90 22.06
N ASP A 290 -35.84 7.30 23.10
CA ASP A 290 -36.82 8.01 23.92
C ASP A 290 -36.17 9.18 24.65
N LYS A 291 -34.95 9.00 25.15
CA LYS A 291 -34.21 10.11 25.77
C LYS A 291 -33.94 11.21 24.75
N LEU A 292 -33.52 10.82 23.54
CA LEU A 292 -33.38 11.77 22.44
C LEU A 292 -34.66 12.56 22.23
N LYS A 293 -35.80 11.91 22.41
CA LYS A 293 -37.10 12.52 22.16
C LYS A 293 -37.57 13.36 23.35
N ASN A 294 -37.23 12.97 24.57
CA ASN A 294 -37.68 13.69 25.77
C ASN A 294 -36.67 14.75 26.20
N VAL B 5 10.70 23.57 -6.62
CA VAL B 5 11.42 23.29 -7.85
C VAL B 5 12.90 23.09 -7.54
N ASP B 6 13.60 22.36 -8.41
CA ASP B 6 15.03 22.14 -8.24
C ASP B 6 15.76 23.47 -8.37
N PRO B 7 16.41 23.97 -7.32
CA PRO B 7 17.01 25.32 -7.38
C PRO B 7 18.28 25.40 -8.21
N ASP B 8 18.85 24.28 -8.63
CA ASP B 8 20.10 24.27 -9.37
C ASP B 8 19.90 24.09 -10.87
N ILE B 9 18.65 24.11 -11.34
CA ILE B 9 18.37 23.93 -12.77
C ILE B 9 19.14 24.95 -13.59
N PHE B 10 19.82 24.47 -14.64
CA PHE B 10 20.48 25.34 -15.61
C PHE B 10 19.44 25.77 -16.63
N ASN B 11 19.03 27.04 -16.58
CA ASN B 11 18.05 27.57 -17.54
C ASN B 11 18.76 28.06 -18.81
N ARG B 12 19.41 27.11 -19.49
CA ARG B 12 20.15 27.45 -20.70
C ARG B 12 20.13 26.27 -21.66
N ASP B 13 20.61 26.52 -22.86
CA ASP B 13 20.62 25.55 -23.95
C ASP B 13 21.67 24.47 -23.71
N PRO B 14 21.29 23.20 -23.53
CA PRO B 14 22.31 22.16 -23.30
C PRO B 14 23.19 21.88 -24.50
N ARG B 15 22.65 21.97 -25.73
CA ARG B 15 23.48 21.75 -26.91
C ARG B 15 24.54 22.83 -27.08
N ASP B 16 24.42 23.95 -26.37
CA ASP B 16 25.47 24.95 -26.23
C ASP B 16 26.62 24.46 -25.36
N HIS B 17 26.50 23.24 -24.83
CA HIS B 17 27.45 22.70 -23.87
C HIS B 17 27.84 21.26 -24.16
N TYR B 18 27.04 20.51 -24.94
CA TYR B 18 27.31 19.11 -25.24
C TYR B 18 27.02 18.85 -26.70
N ASP B 19 27.84 17.99 -27.32
CA ASP B 19 27.54 17.41 -28.62
C ASP B 19 26.76 16.13 -28.41
N LEU B 20 25.55 16.07 -28.97
CA LEU B 20 24.75 14.85 -28.90
C LEU B 20 25.28 13.85 -29.92
N LEU B 21 25.74 12.72 -29.42
CA LEU B 21 26.21 11.62 -30.26
C LEU B 21 25.07 10.62 -30.43
N GLN B 22 25.30 9.31 -30.25
CA GLN B 22 24.28 8.30 -30.49
C GLN B 22 23.27 8.21 -29.35
N ARG B 23 22.15 7.55 -29.64
CA ARG B 23 21.27 7.12 -28.57
C ARG B 23 21.88 5.93 -27.85
N LEU B 24 21.35 5.61 -26.68
CA LEU B 24 21.84 4.46 -25.95
C LEU B 24 20.68 3.80 -25.22
N GLY B 25 20.87 2.53 -24.88
CA GLY B 25 19.88 1.79 -24.13
C GLY B 25 18.71 1.27 -24.94
N GLY B 26 18.68 1.53 -26.25
CA GLY B 26 17.58 1.06 -27.08
C GLY B 26 16.21 1.54 -26.66
N GLY B 27 16.14 2.64 -25.90
CA GLY B 27 14.88 3.15 -25.41
C GLY B 27 14.36 2.50 -24.16
N THR B 28 15.07 1.51 -23.61
CA THR B 28 14.61 0.83 -22.41
C THR B 28 14.57 1.78 -21.22
N TYR B 29 15.55 2.68 -21.12
CA TYR B 29 15.65 3.62 -20.02
C TYR B 29 15.08 5.00 -20.38
N GLY B 30 14.34 5.09 -21.46
CA GLY B 30 13.83 6.36 -21.95
C GLY B 30 14.62 6.89 -23.12
N GLU B 31 14.50 8.20 -23.32
CA GLU B 31 15.24 8.88 -24.38
C GLU B 31 16.51 9.45 -23.77
N VAL B 32 17.62 8.75 -23.95
CA VAL B 32 18.89 9.11 -23.34
C VAL B 32 19.97 9.05 -24.40
N PHE B 33 20.84 10.07 -24.42
CA PHE B 33 21.85 10.23 -25.45
C PHE B 33 23.24 10.14 -24.85
N LYS B 34 24.16 9.61 -25.64
CA LYS B 34 25.58 9.70 -25.32
C LYS B 34 26.08 11.06 -25.79
N ALA B 35 26.65 11.84 -24.88
CA ALA B 35 27.01 13.22 -25.19
C ALA B 35 28.46 13.48 -24.84
N ARG B 36 29.04 14.47 -25.52
CA ARG B 36 30.41 14.90 -25.30
C ARG B 36 30.41 16.40 -25.04
N ASP B 37 30.89 16.80 -23.86
CA ASP B 37 30.98 18.20 -23.45
C ASP B 37 31.59 19.03 -24.56
N LYS B 38 30.85 20.05 -25.02
CA LYS B 38 31.33 20.90 -26.11
C LYS B 38 31.77 22.26 -25.59
N GLY B 41 36.10 17.04 -23.60
CA GLY B 41 36.18 15.73 -24.18
C GLY B 41 35.55 14.65 -23.32
N ASP B 42 34.93 15.06 -22.22
CA ASP B 42 34.29 14.09 -21.31
C ASP B 42 32.99 13.58 -21.89
N LEU B 43 32.69 12.32 -21.60
CA LEU B 43 31.44 11.69 -22.00
C LEU B 43 30.46 11.71 -20.84
N VAL B 44 29.20 11.96 -21.16
CA VAL B 44 28.10 11.94 -20.20
C VAL B 44 26.91 11.25 -20.85
N ALA B 45 25.95 10.88 -20.01
CA ALA B 45 24.65 10.42 -20.47
C ALA B 45 23.63 11.53 -20.22
N LEU B 46 22.81 11.81 -21.22
CA LEU B 46 21.81 12.87 -21.15
C LEU B 46 20.43 12.27 -21.42
N LYS B 47 19.60 12.24 -20.38
CA LYS B 47 18.23 11.76 -20.50
C LYS B 47 17.30 12.96 -20.62
N MET B 48 16.55 13.01 -21.72
CA MET B 48 15.60 14.09 -21.97
C MET B 48 14.18 13.62 -21.70
N VAL B 49 13.38 14.49 -21.09
CA VAL B 49 11.97 14.23 -20.83
C VAL B 49 11.17 15.48 -21.17
N LYS B 50 10.03 15.29 -21.83
CA LYS B 50 9.13 16.38 -22.16
C LYS B 50 8.45 16.94 -20.92
N MET B 51 8.41 18.26 -20.81
CA MET B 51 7.81 18.94 -19.65
C MET B 51 6.33 19.14 -19.91
N GLU B 52 5.49 18.41 -19.18
CA GLU B 52 4.04 18.51 -19.33
C GLU B 52 3.46 19.71 -18.58
N VAL B 57 4.35 16.04 -12.81
CA VAL B 57 5.80 15.94 -12.92
C VAL B 57 6.45 15.87 -11.55
N SER B 58 5.64 15.67 -10.51
CA SER B 58 6.19 15.60 -9.16
C SER B 58 6.99 14.31 -8.95
N THR B 59 6.66 13.25 -9.68
CA THR B 59 7.42 12.00 -9.57
C THR B 59 8.78 12.13 -10.25
N LEU B 60 8.82 12.80 -11.41
CA LEU B 60 10.09 13.09 -12.05
C LEU B 60 10.96 13.99 -11.17
N GLN B 61 10.34 14.99 -10.53
CA GLN B 61 11.04 15.79 -9.54
C GLN B 61 11.68 14.89 -8.49
N LYS B 62 10.90 13.98 -7.93
CA LYS B 62 11.39 13.18 -6.83
C LYS B 62 12.52 12.24 -7.26
N GLU B 63 12.47 11.73 -8.50
CA GLU B 63 13.52 10.87 -9.00
C GLU B 63 14.86 11.60 -9.05
N ILE B 64 14.86 12.81 -9.61
CA ILE B 64 16.12 13.57 -9.71
C ILE B 64 16.68 13.86 -8.33
N LEU B 65 15.81 14.22 -7.37
CA LEU B 65 16.27 14.49 -6.01
C LEU B 65 16.96 13.28 -5.40
N ILE B 66 16.44 12.08 -5.66
CA ILE B 66 17.11 10.87 -5.18
C ILE B 66 18.52 10.77 -5.75
N LEU B 67 18.65 10.91 -7.06
CA LEU B 67 19.96 10.79 -7.70
C LEU B 67 20.86 11.95 -7.30
N LYS B 68 20.32 13.16 -7.19
CA LYS B 68 21.14 14.31 -6.84
C LYS B 68 21.73 14.19 -5.44
N THR B 69 20.92 13.76 -4.47
CA THR B 69 21.40 13.69 -3.09
C THR B 69 22.28 12.48 -2.83
N CYS B 70 22.37 11.54 -3.76
CA CYS B 70 23.25 10.38 -3.60
C CYS B 70 24.66 10.72 -4.05
N ARG B 71 25.63 10.52 -3.16
CA ARG B 71 27.04 10.73 -3.51
C ARG B 71 27.83 9.51 -3.05
N HIS B 72 27.91 8.51 -3.93
CA HIS B 72 28.59 7.26 -3.63
C HIS B 72 29.08 6.65 -4.93
N ALA B 73 30.29 6.10 -4.90
CA ALA B 73 30.91 5.61 -6.13
C ALA B 73 30.14 4.47 -6.78
N ASN B 74 29.36 3.72 -6.01
CA ASN B 74 28.58 2.62 -6.56
C ASN B 74 27.17 3.04 -6.96
N ILE B 75 26.87 4.34 -6.96
CA ILE B 75 25.63 4.89 -7.47
C ILE B 75 25.98 5.82 -8.63
N VAL B 76 25.31 5.62 -9.77
CA VAL B 76 25.61 6.43 -10.96
C VAL B 76 25.56 7.91 -10.60
N ALA B 77 26.59 8.65 -11.01
CA ALA B 77 26.75 10.03 -10.60
C ALA B 77 25.82 10.97 -11.36
N TYR B 78 25.36 12.01 -10.67
CA TYR B 78 24.49 13.04 -11.23
C TYR B 78 25.26 14.34 -11.36
N HIS B 79 25.11 15.02 -12.49
CA HIS B 79 25.84 16.24 -12.74
C HIS B 79 24.97 17.49 -12.78
N GLY B 80 23.71 17.38 -13.11
CA GLY B 80 22.84 18.54 -13.20
C GLY B 80 21.71 18.32 -14.18
N SER B 81 20.89 19.36 -14.33
CA SER B 81 19.74 19.32 -15.23
C SER B 81 19.61 20.65 -15.95
N TYR B 82 19.24 20.58 -17.23
CA TYR B 82 18.99 21.76 -18.05
C TYR B 82 17.52 21.79 -18.44
N LEU B 83 16.90 22.95 -18.33
CA LEU B 83 15.54 23.19 -18.80
C LEU B 83 15.59 24.04 -20.05
N TRP B 84 14.91 23.60 -21.11
CA TRP B 84 14.94 24.30 -22.39
C TRP B 84 13.85 23.80 -23.33
N LEU B 85 13.08 24.73 -23.91
CA LEU B 85 12.00 24.41 -24.86
C LEU B 85 11.09 23.32 -24.31
N GLN B 86 10.73 23.44 -23.04
CA GLN B 86 9.87 22.48 -22.35
C GLN B 86 10.46 21.07 -22.39
N LYS B 87 11.78 20.97 -22.46
CA LYS B 87 12.51 19.70 -22.35
C LYS B 87 13.48 19.78 -21.18
N LEU B 88 13.54 18.73 -20.37
CA LEU B 88 14.43 18.64 -19.23
C LEU B 88 15.53 17.64 -19.53
N TRP B 89 16.78 18.08 -19.45
CA TRP B 89 17.95 17.27 -19.81
C TRP B 89 18.74 16.92 -18.56
N ILE B 90 18.66 15.65 -18.15
CA ILE B 90 19.33 15.16 -16.94
C ILE B 90 20.70 14.61 -17.33
N CYS B 91 21.76 15.19 -16.78
CA CYS B 91 23.13 14.84 -17.13
C CYS B 91 23.73 13.92 -16.07
N MET B 92 24.20 12.75 -16.49
CA MET B 92 24.64 11.71 -15.57
C MET B 92 25.95 11.10 -16.04
N GLU B 93 26.61 10.39 -15.11
CA GLU B 93 27.80 9.61 -15.41
C GLU B 93 27.51 8.56 -16.49
N PHE B 94 28.42 8.46 -17.47
CA PHE B 94 28.26 7.51 -18.56
C PHE B 94 28.91 6.19 -18.19
N CYS B 95 28.16 5.10 -18.36
CA CYS B 95 28.65 3.75 -18.08
C CYS B 95 28.73 3.01 -19.41
N GLY B 96 29.94 2.96 -19.98
CA GLY B 96 30.17 2.59 -21.36
C GLY B 96 29.91 1.13 -21.71
N ALA B 97 29.80 0.24 -20.72
CA ALA B 97 29.55 -1.16 -21.03
C ALA B 97 28.08 -1.55 -20.86
N GLY B 98 27.21 -0.58 -20.59
CA GLY B 98 25.79 -0.87 -20.46
C GLY B 98 25.45 -1.52 -19.13
N SER B 99 24.33 -2.25 -19.13
CA SER B 99 23.93 -3.01 -17.97
C SER B 99 24.55 -4.41 -18.02
N LEU B 100 24.53 -5.09 -16.87
CA LEU B 100 24.98 -6.47 -16.84
C LEU B 100 24.13 -7.36 -17.74
N GLN B 101 22.86 -7.03 -17.90
CA GLN B 101 22.02 -7.77 -18.84
C GLN B 101 22.55 -7.62 -20.26
N ASP B 102 22.86 -6.40 -20.69
CA ASP B 102 23.51 -6.20 -21.98
C ASP B 102 24.74 -7.08 -22.12
N ILE B 103 25.48 -7.24 -21.03
CA ILE B 103 26.75 -7.97 -21.07
C ILE B 103 26.50 -9.48 -21.16
N TYR B 104 25.72 -10.03 -20.23
CA TYR B 104 25.63 -11.49 -20.19
C TYR B 104 24.80 -12.05 -21.33
N GLN B 105 23.96 -11.24 -21.97
CA GLN B 105 23.26 -11.69 -23.17
C GLN B 105 24.23 -11.98 -24.31
N VAL B 106 25.44 -11.41 -24.24
CA VAL B 106 26.49 -11.71 -25.22
C VAL B 106 27.47 -12.76 -24.68
N THR B 107 27.93 -12.58 -23.44
CA THR B 107 29.02 -13.38 -22.90
C THR B 107 28.56 -14.69 -22.30
N GLY B 108 27.30 -14.79 -21.88
CA GLY B 108 26.87 -15.91 -21.09
C GLY B 108 27.12 -15.68 -19.61
N SER B 109 26.87 -16.74 -18.84
CA SER B 109 26.84 -16.64 -17.38
C SER B 109 28.18 -16.19 -16.82
N LEU B 110 28.11 -15.32 -15.81
CA LEU B 110 29.31 -14.85 -15.14
C LEU B 110 29.92 -15.97 -14.28
N SER B 111 31.22 -15.85 -14.05
CA SER B 111 31.88 -16.74 -13.11
C SER B 111 31.47 -16.39 -11.68
N GLU B 112 31.70 -17.33 -10.77
CA GLU B 112 31.37 -17.09 -9.36
C GLU B 112 32.13 -15.91 -8.80
N LEU B 113 33.43 -15.79 -9.13
CA LEU B 113 34.21 -14.65 -8.66
C LEU B 113 33.65 -13.35 -9.20
N GLN B 114 33.28 -13.33 -10.48
CA GLN B 114 32.70 -12.13 -11.06
C GLN B 114 31.39 -11.76 -10.36
N ILE B 115 30.53 -12.75 -10.11
CA ILE B 115 29.29 -12.49 -9.38
C ILE B 115 29.58 -11.98 -7.98
N SER B 116 30.58 -12.57 -7.32
CA SER B 116 30.90 -12.15 -5.95
C SER B 116 31.33 -10.69 -5.92
N TYR B 117 32.14 -10.26 -6.88
CA TYR B 117 32.57 -8.86 -6.93
C TYR B 117 31.40 -7.94 -7.25
N VAL B 118 30.56 -8.30 -8.21
CA VAL B 118 29.37 -7.49 -8.48
C VAL B 118 28.49 -7.39 -7.25
N CYS B 119 28.37 -8.50 -6.51
CA CYS B 119 27.51 -8.51 -5.33
C CYS B 119 28.09 -7.63 -4.22
N ARG B 120 29.41 -7.67 -4.04
CA ARG B 120 30.02 -6.79 -3.06
C ARG B 120 29.78 -5.33 -3.42
N GLU B 121 29.97 -4.98 -4.68
CA GLU B 121 29.83 -3.60 -5.12
C GLU B 121 28.39 -3.12 -4.97
N VAL B 122 27.42 -3.98 -5.25
CA VAL B 122 26.02 -3.61 -5.11
C VAL B 122 25.65 -3.45 -3.64
N LEU B 123 26.16 -4.35 -2.80
CA LEU B 123 25.90 -4.23 -1.35
C LEU B 123 26.48 -2.94 -0.81
N GLN B 124 27.66 -2.54 -1.28
CA GLN B 124 28.22 -1.26 -0.85
C GLN B 124 27.28 -0.11 -1.20
N GLY B 125 26.73 -0.13 -2.41
CA GLY B 125 25.77 0.90 -2.78
C GLY B 125 24.47 0.81 -2.00
N LEU B 126 24.00 -0.41 -1.74
CA LEU B 126 22.77 -0.58 -0.97
C LEU B 126 22.95 -0.11 0.47
N ALA B 127 24.09 -0.42 1.08
CA ALA B 127 24.32 0.01 2.46
C ALA B 127 24.33 1.53 2.56
N TYR B 128 24.89 2.20 1.56
CA TYR B 128 24.81 3.65 1.49
C TYR B 128 23.36 4.11 1.34
N LEU B 129 22.64 3.55 0.37
CA LEU B 129 21.25 3.92 0.13
C LEU B 129 20.42 3.73 1.38
N HIS B 130 20.56 2.58 2.04
CA HIS B 130 19.71 2.27 3.19
C HIS B 130 20.03 3.16 4.39
N SER B 131 21.27 3.61 4.54
CA SER B 131 21.59 4.55 5.60
C SER B 131 21.15 5.97 5.27
N GLN B 132 20.89 6.26 3.98
CA GLN B 132 20.23 7.49 3.57
C GLN B 132 18.71 7.40 3.67
N LYS B 133 18.20 6.30 4.22
CA LYS B 133 16.76 6.06 4.34
C LYS B 133 16.08 6.01 2.98
N LYS B 134 16.74 5.37 2.01
CA LYS B 134 16.21 5.17 0.67
C LYS B 134 16.12 3.68 0.36
N ILE B 135 15.27 3.34 -0.61
CA ILE B 135 15.08 1.97 -1.06
C ILE B 135 15.06 1.98 -2.58
N HIS B 136 15.88 1.13 -3.21
CA HIS B 136 15.91 1.09 -4.66
C HIS B 136 14.66 0.41 -5.21
N ARG B 137 14.33 -0.77 -4.69
CA ARG B 137 13.11 -1.52 -5.01
C ARG B 137 13.09 -2.06 -6.43
N ASP B 138 14.19 -1.96 -7.18
CA ASP B 138 14.22 -2.61 -8.50
C ASP B 138 15.64 -3.06 -8.84
N ILE B 139 16.33 -3.65 -7.86
CA ILE B 139 17.65 -4.24 -8.10
C ILE B 139 17.48 -5.42 -9.06
N LYS B 140 18.23 -5.39 -10.16
CA LYS B 140 18.22 -6.42 -11.19
C LYS B 140 19.37 -6.14 -12.14
N GLY B 141 19.70 -7.16 -12.94
CA GLY B 141 20.82 -7.01 -13.88
C GLY B 141 20.70 -5.81 -14.80
N ALA B 142 19.47 -5.49 -15.20
CA ALA B 142 19.25 -4.37 -16.12
C ALA B 142 19.55 -3.02 -15.49
N ASN B 143 19.54 -2.94 -14.15
CA ASN B 143 19.74 -1.69 -13.43
C ASN B 143 21.11 -1.61 -12.77
N ILE B 144 21.98 -2.58 -13.01
CA ILE B 144 23.36 -2.57 -12.55
C ILE B 144 24.24 -2.29 -13.76
N LEU B 145 24.88 -1.12 -13.78
CA LEU B 145 25.65 -0.67 -14.93
C LEU B 145 27.14 -0.85 -14.70
N ILE B 146 27.88 -1.01 -15.79
CA ILE B 146 29.31 -1.27 -15.77
C ILE B 146 29.98 -0.22 -16.67
N ASN B 147 31.03 0.42 -16.15
CA ASN B 147 31.81 1.34 -16.97
C ASN B 147 33.02 0.63 -17.57
N ASP B 148 33.81 1.38 -18.34
CA ASP B 148 34.92 0.80 -19.09
C ASP B 148 36.06 0.32 -18.19
N ALA B 149 36.10 0.77 -16.93
CA ALA B 149 37.07 0.28 -15.96
C ALA B 149 36.60 -0.97 -15.24
N GLY B 150 35.42 -1.50 -15.60
CA GLY B 150 34.87 -2.64 -14.90
C GLY B 150 34.24 -2.32 -13.56
N GLU B 151 33.91 -1.06 -13.31
CA GLU B 151 33.36 -0.62 -12.04
C GLU B 151 31.84 -0.60 -12.10
N VAL B 152 31.21 -0.78 -10.93
CA VAL B 152 29.80 -1.14 -10.83
C VAL B 152 29.00 0.02 -10.25
N ARG B 153 27.93 0.41 -10.95
CA ARG B 153 27.10 1.53 -10.52
C ARG B 153 25.62 1.16 -10.57
N LEU B 154 24.93 1.38 -9.45
CA LEU B 154 23.48 1.20 -9.41
C LEU B 154 22.77 2.34 -10.13
N ALA B 155 21.71 2.00 -10.85
CA ALA B 155 21.04 2.98 -11.70
C ALA B 155 19.53 2.78 -11.65
N ASP B 156 18.82 3.75 -12.22
CA ASP B 156 17.37 3.70 -12.45
C ASP B 156 16.58 3.73 -11.15
N PHE B 157 16.40 4.93 -10.58
CA PHE B 157 15.58 5.11 -9.39
C PHE B 157 14.15 5.52 -9.73
N GLY B 158 13.69 5.25 -10.95
CA GLY B 158 12.34 5.62 -11.32
C GLY B 158 11.29 4.90 -10.49
N ILE B 159 11.47 3.60 -10.27
CA ILE B 159 10.55 2.83 -9.45
C ILE B 159 10.57 3.35 -8.01
N SER B 160 11.76 3.69 -7.51
CA SER B 160 11.87 4.22 -6.15
C SER B 160 11.10 5.54 -6.02
N ALA B 161 11.12 6.35 -7.07
CA ALA B 161 10.41 7.63 -7.01
C ALA B 161 8.90 7.43 -7.08
N GLN B 162 8.44 6.48 -7.90
CA GLN B 162 7.00 6.27 -8.03
C GLN B 162 6.40 5.73 -6.74
N ILE B 163 7.08 4.78 -6.09
CA ILE B 163 6.58 4.25 -4.82
C ILE B 163 6.52 5.32 -3.76
N GLY B 164 7.56 6.14 -3.66
CA GLY B 164 7.55 7.22 -2.69
C GLY B 164 6.46 8.25 -2.95
N ALA B 165 6.08 8.43 -4.22
CA ALA B 165 4.99 9.33 -4.53
C ALA B 165 3.63 8.70 -4.24
N GLU B 166 3.50 7.39 -4.46
CA GLU B 166 2.26 6.72 -4.08
C GLU B 166 2.10 6.67 -2.58
N LEU B 167 3.21 6.49 -1.85
CA LEU B 167 3.13 6.50 -0.39
C LEU B 167 2.72 7.87 0.13
N ALA B 168 3.19 8.94 -0.51
CA ALA B 168 2.86 10.29 -0.04
C ALA B 168 1.42 10.66 -0.38
N ARG B 169 0.97 10.29 -1.57
CA ARG B 169 -0.38 10.69 -2.00
C ARG B 169 -1.44 9.92 -1.25
N ARG B 170 -1.30 8.60 -1.15
CA ARG B 170 -2.23 7.80 -0.38
C ARG B 170 -2.26 8.23 1.08
N LEU B 171 -1.18 8.83 1.58
CA LEU B 171 -1.17 9.38 2.93
C LEU B 171 -2.00 10.66 3.00
N GLU B 172 -2.03 11.44 1.93
CA GLU B 172 -2.77 12.70 1.92
C GLU B 172 -4.28 12.50 1.76
N PHE B 173 -4.74 11.27 1.54
CA PHE B 173 -6.16 10.96 1.47
C PHE B 173 -6.49 9.78 2.38
N ILE B 174 -5.78 9.67 3.51
CA ILE B 174 -6.04 8.56 4.42
C ILE B 174 -7.20 8.86 5.37
N GLY B 175 -7.55 10.14 5.56
CA GLY B 175 -8.65 10.50 6.43
C GLY B 175 -8.23 10.54 7.89
N THR B 176 -9.21 10.77 8.76
CA THR B 176 -8.92 10.89 10.18
C THR B 176 -8.41 9.54 10.71
N PRO B 177 -7.44 9.55 11.64
CA PRO B 177 -6.78 8.29 12.02
C PRO B 177 -7.16 7.77 13.39
N TYR B 178 -8.07 8.44 14.10
CA TYR B 178 -8.35 8.13 15.49
C TYR B 178 -8.93 6.74 15.70
N TRP B 179 -9.58 6.17 14.68
CA TRP B 179 -10.17 4.84 14.77
C TRP B 179 -9.31 3.77 14.11
N MET B 180 -8.11 4.11 13.66
CA MET B 180 -7.27 3.20 12.90
C MET B 180 -6.43 2.33 13.81
N ALA B 181 -6.29 1.05 13.43
CA ALA B 181 -5.42 0.15 14.16
C ALA B 181 -3.95 0.46 13.87
N PRO B 182 -3.06 0.19 14.82
CA PRO B 182 -1.65 0.58 14.64
C PRO B 182 -0.97 -0.09 13.46
N GLU B 183 -1.39 -1.30 13.06
CA GLU B 183 -0.80 -1.88 11.87
C GLU B 183 -1.25 -1.15 10.60
N VAL B 184 -2.46 -0.62 10.60
CA VAL B 184 -2.92 0.20 9.47
C VAL B 184 -2.17 1.53 9.45
N ALA B 185 -1.95 2.12 10.62
CA ALA B 185 -1.15 3.33 10.71
C ALA B 185 0.26 3.10 10.17
N ALA B 186 0.84 1.93 10.48
CA ALA B 186 2.21 1.64 10.05
C ALA B 186 2.30 1.50 8.54
N VAL B 187 1.31 0.85 7.93
CA VAL B 187 1.28 0.73 6.47
C VAL B 187 1.16 2.11 5.82
N ALA B 188 0.37 3.00 6.43
CA ALA B 188 0.17 4.33 5.86
C ALA B 188 1.45 5.14 5.88
N LEU B 189 2.20 5.09 6.98
CA LEU B 189 3.40 5.92 7.11
C LEU B 189 4.63 5.29 6.48
N LYS B 190 4.74 3.96 6.48
CA LYS B 190 5.97 3.29 6.08
C LYS B 190 5.82 2.35 4.89
N GLY B 191 4.61 1.99 4.48
CA GLY B 191 4.38 1.28 3.25
C GLY B 191 4.14 -0.20 3.39
N GLY B 192 4.53 -0.81 4.51
CA GLY B 192 4.30 -2.22 4.74
C GLY B 192 5.50 -3.13 4.54
N TYR B 193 6.62 -2.60 4.03
CA TYR B 193 7.85 -3.35 3.93
C TYR B 193 9.01 -2.38 4.09
N ASN B 194 10.23 -2.90 4.09
CA ASN B 194 11.37 -2.02 4.32
C ASN B 194 12.50 -2.30 3.35
N GLU B 195 13.67 -1.71 3.63
CA GLU B 195 14.80 -1.76 2.70
C GLU B 195 15.35 -3.17 2.51
N LEU B 196 15.01 -4.11 3.38
CA LEU B 196 15.53 -5.46 3.20
C LEU B 196 15.01 -6.13 1.94
N CYS B 197 13.96 -5.57 1.32
CA CYS B 197 13.52 -6.10 0.03
C CYS B 197 14.64 -6.02 -1.00
N ASP B 198 15.50 -5.00 -0.91
CA ASP B 198 16.64 -4.88 -1.83
C ASP B 198 17.63 -6.03 -1.66
N ILE B 199 17.75 -6.55 -0.44
CA ILE B 199 18.64 -7.69 -0.20
C ILE B 199 18.13 -8.92 -0.93
N TRP B 200 16.81 -9.16 -0.86
CA TRP B 200 16.22 -10.26 -1.62
C TRP B 200 16.44 -10.09 -3.12
N SER B 201 16.18 -8.88 -3.64
CA SER B 201 16.34 -8.66 -5.07
C SER B 201 17.77 -8.92 -5.52
N LEU B 202 18.74 -8.64 -4.65
CA LEU B 202 20.13 -8.94 -4.99
C LEU B 202 20.37 -10.44 -5.04
N GLY B 203 19.72 -11.19 -4.16
CA GLY B 203 19.84 -12.65 -4.23
C GLY B 203 19.34 -13.19 -5.55
N ILE B 204 18.19 -12.67 -6.02
CA ILE B 204 17.65 -13.06 -7.31
C ILE B 204 18.61 -12.65 -8.43
N THR B 205 19.18 -11.45 -8.33
CA THR B 205 20.08 -10.94 -9.35
C THR B 205 21.32 -11.83 -9.49
N ALA B 206 21.87 -12.30 -8.37
CA ALA B 206 23.02 -13.18 -8.43
C ALA B 206 22.69 -14.48 -9.16
N ILE B 207 21.48 -15.00 -8.95
CA ILE B 207 21.03 -16.15 -9.72
C ILE B 207 20.87 -15.76 -11.18
N GLU B 208 20.33 -14.57 -11.45
CA GLU B 208 20.22 -14.07 -12.82
C GLU B 208 21.58 -14.00 -13.51
N LEU B 209 22.61 -13.59 -12.77
CA LEU B 209 23.93 -13.50 -13.38
C LEU B 209 24.56 -14.87 -13.59
N ALA B 210 24.11 -15.87 -12.85
CA ALA B 210 24.64 -17.22 -12.94
C ALA B 210 23.92 -18.08 -13.96
N GLU B 211 22.66 -17.75 -14.26
CA GLU B 211 21.81 -18.62 -15.06
C GLU B 211 21.15 -17.90 -16.23
N LEU B 212 21.41 -16.61 -16.41
CA LEU B 212 20.91 -15.78 -17.50
C LEU B 212 19.41 -15.48 -17.39
N GLN B 213 18.74 -15.91 -16.32
CA GLN B 213 17.31 -15.73 -16.09
C GLN B 213 17.06 -15.76 -14.58
N PRO B 214 16.15 -14.95 -14.07
CA PRO B 214 15.74 -15.11 -12.68
C PRO B 214 14.94 -16.40 -12.53
N PRO B 215 14.91 -16.98 -11.33
CA PRO B 215 14.06 -18.16 -11.11
C PRO B 215 12.62 -17.88 -11.49
N LEU B 216 11.94 -18.93 -11.98
CA LEU B 216 10.52 -18.89 -12.36
C LEU B 216 10.26 -17.97 -13.56
N PHE B 217 11.30 -17.64 -14.33
CA PHE B 217 11.14 -16.73 -15.47
C PHE B 217 10.13 -17.28 -16.48
N ASP B 218 10.03 -18.60 -16.61
CA ASP B 218 9.11 -19.22 -17.57
C ASP B 218 7.74 -19.56 -16.97
N VAL B 219 7.38 -18.94 -15.86
CA VAL B 219 6.06 -19.08 -15.25
C VAL B 219 5.33 -17.75 -15.40
N HIS B 220 4.01 -17.81 -15.63
CA HIS B 220 3.22 -16.59 -15.76
C HIS B 220 3.42 -15.71 -14.53
N PRO B 221 3.61 -14.40 -14.72
CA PRO B 221 3.88 -13.53 -13.55
C PRO B 221 2.77 -13.51 -12.51
N LEU B 222 1.50 -13.46 -12.92
CA LEU B 222 0.43 -13.45 -11.92
C LEU B 222 0.39 -14.76 -11.14
N ARG B 223 0.85 -15.85 -11.74
CA ARG B 223 1.02 -17.10 -10.99
C ARG B 223 2.16 -16.99 -9.99
N VAL B 224 3.26 -16.33 -10.36
CA VAL B 224 4.37 -16.19 -9.43
C VAL B 224 4.00 -15.27 -8.28
N LEU B 225 3.19 -14.25 -8.54
CA LEU B 225 2.68 -13.41 -7.46
C LEU B 225 1.77 -14.22 -6.53
N PHE B 226 0.93 -15.08 -7.09
CA PHE B 226 0.07 -15.96 -6.29
C PHE B 226 0.89 -16.85 -5.37
N LEU B 227 1.99 -17.41 -5.87
CA LEU B 227 2.77 -18.35 -5.07
C LEU B 227 3.51 -17.64 -3.94
N MET B 228 4.10 -16.48 -4.23
CA MET B 228 4.96 -15.82 -3.25
C MET B 228 4.20 -15.38 -2.00
N THR B 229 2.88 -15.28 -2.06
CA THR B 229 2.08 -14.82 -0.94
C THR B 229 1.37 -15.95 -0.20
N LYS B 230 1.74 -17.20 -0.45
CA LYS B 230 1.00 -18.35 0.07
C LYS B 230 1.53 -18.87 1.40
N SER B 231 2.70 -18.41 1.86
CA SER B 231 3.28 -18.78 3.14
C SER B 231 3.84 -20.19 3.16
N GLY B 232 3.32 -21.09 2.32
CA GLY B 232 4.03 -22.31 2.01
C GLY B 232 5.15 -22.10 1.02
N TYR B 233 5.35 -20.85 0.61
CA TYR B 233 6.28 -20.53 -0.46
C TYR B 233 7.72 -20.81 -0.04
N GLN B 234 8.49 -21.38 -0.95
CA GLN B 234 9.89 -21.70 -0.72
C GLN B 234 10.77 -20.77 -1.56
N PRO B 235 11.75 -20.11 -0.95
CA PRO B 235 12.63 -19.26 -1.74
C PRO B 235 13.37 -20.07 -2.79
N PRO B 236 13.67 -19.47 -3.94
CA PRO B 236 14.35 -20.22 -4.99
C PRO B 236 15.80 -20.49 -4.62
N ARG B 237 16.45 -21.30 -5.46
CA ARG B 237 17.82 -21.73 -5.25
C ARG B 237 18.55 -21.74 -6.58
N LEU B 238 19.86 -21.87 -6.51
CA LEU B 238 20.65 -22.11 -7.71
C LEU B 238 20.27 -23.45 -8.33
N LYS B 239 20.15 -23.46 -9.65
CA LYS B 239 19.66 -24.63 -10.37
C LYS B 239 20.65 -25.78 -10.34
N GLU B 240 21.94 -25.49 -10.48
CA GLU B 240 22.99 -26.50 -10.66
C GLU B 240 23.92 -26.48 -9.45
N LYS B 241 23.75 -27.44 -8.54
CA LYS B 241 24.44 -27.39 -7.25
C LYS B 241 25.96 -27.48 -7.42
N GLY B 242 26.43 -28.47 -8.17
CA GLY B 242 27.85 -28.76 -8.28
C GLY B 242 28.68 -27.69 -8.96
N LYS B 243 28.03 -26.73 -9.62
CA LYS B 243 28.74 -25.66 -10.31
C LYS B 243 29.22 -24.57 -9.37
N TRP B 244 28.59 -24.43 -8.20
CA TRP B 244 28.84 -23.30 -7.32
C TRP B 244 29.29 -23.78 -5.94
N SER B 245 30.12 -22.97 -5.30
CA SER B 245 30.64 -23.32 -3.99
C SER B 245 29.56 -23.24 -2.91
N ALA B 246 29.83 -23.92 -1.80
CA ALA B 246 28.95 -23.84 -0.64
C ALA B 246 28.78 -22.40 -0.17
N ALA B 247 29.79 -21.54 -0.37
CA ALA B 247 29.66 -20.16 0.04
C ALA B 247 28.64 -19.42 -0.81
N PHE B 248 28.67 -19.61 -2.14
CA PHE B 248 27.67 -19.03 -3.02
C PHE B 248 26.27 -19.51 -2.64
N HIS B 249 26.10 -20.84 -2.51
CA HIS B 249 24.80 -21.37 -2.10
C HIS B 249 24.33 -20.75 -0.80
N ASN B 250 25.24 -20.58 0.17
CA ASN B 250 24.84 -19.99 1.44
C ASN B 250 24.50 -18.51 1.28
N PHE B 251 25.24 -17.80 0.42
CA PHE B 251 24.91 -16.40 0.13
C PHE B 251 23.50 -16.29 -0.45
N ILE B 252 23.15 -17.19 -1.37
CA ILE B 252 21.79 -17.20 -1.91
C ILE B 252 20.79 -17.51 -0.81
N LYS B 253 21.14 -18.45 0.09
CA LYS B 253 20.22 -18.82 1.16
C LYS B 253 19.91 -17.62 2.05
N VAL B 254 20.94 -16.87 2.46
CA VAL B 254 20.71 -15.84 3.46
C VAL B 254 20.09 -14.58 2.83
N THR B 255 20.49 -14.23 1.59
CA THR B 255 19.86 -13.08 0.96
C THR B 255 18.42 -13.35 0.60
N LEU B 256 18.07 -14.61 0.37
CA LEU B 256 16.70 -15.00 0.08
C LEU B 256 15.98 -15.55 1.31
N THR B 257 16.29 -15.00 2.49
CA THR B 257 15.53 -15.34 3.69
C THR B 257 14.09 -14.85 3.54
N LYS B 258 13.13 -15.76 3.71
CA LYS B 258 11.73 -15.40 3.50
C LYS B 258 11.27 -14.34 4.48
N SER B 259 11.54 -14.54 5.76
CA SER B 259 11.08 -13.61 6.78
C SER B 259 11.89 -12.32 6.72
N PRO B 260 11.29 -11.17 6.44
CA PRO B 260 12.04 -9.91 6.49
C PRO B 260 12.58 -9.61 7.87
N LYS B 261 12.06 -10.23 8.92
CA LYS B 261 12.59 -10.02 10.26
C LYS B 261 13.95 -10.67 10.46
N LYS B 262 14.31 -11.67 9.65
CA LYS B 262 15.57 -12.37 9.78
C LYS B 262 16.55 -12.08 8.64
N ARG B 263 16.10 -11.47 7.55
CA ARG B 263 16.97 -11.23 6.40
C ARG B 263 18.10 -10.26 6.79
N PRO B 264 19.36 -10.60 6.50
CA PRO B 264 20.46 -9.73 6.91
C PRO B 264 20.46 -8.40 6.18
N SER B 265 20.98 -7.37 6.86
CA SER B 265 21.12 -6.06 6.25
C SER B 265 22.27 -6.06 5.24
N ALA B 266 22.37 -4.96 4.48
CA ALA B 266 23.45 -4.83 3.51
C ALA B 266 24.82 -4.83 4.18
N THR B 267 24.94 -4.12 5.31
CA THR B 267 26.22 -4.07 6.02
C THR B 267 26.59 -5.43 6.57
N LYS B 268 25.61 -6.16 7.10
CA LYS B 268 25.86 -7.52 7.58
C LYS B 268 26.28 -8.44 6.44
N MET B 269 25.64 -8.31 5.28
CA MET B 269 25.96 -9.17 4.15
C MET B 269 27.37 -8.92 3.64
N LEU B 270 27.89 -7.70 3.83
CA LEU B 270 29.25 -7.40 3.40
C LEU B 270 30.27 -8.21 4.16
N SER B 271 29.90 -8.77 5.32
CA SER B 271 30.78 -9.65 6.07
C SER B 271 30.64 -11.12 5.68
N HIS B 272 29.77 -11.44 4.72
CA HIS B 272 29.62 -12.81 4.27
C HIS B 272 30.87 -13.26 3.51
N GLN B 273 31.18 -14.55 3.64
CA GLN B 273 32.39 -15.13 3.06
C GLN B 273 32.49 -14.87 1.56
N LEU B 274 31.36 -14.89 0.85
CA LEU B 274 31.40 -14.80 -0.61
C LEU B 274 31.95 -13.45 -1.08
N VAL B 275 31.53 -12.36 -0.43
CA VAL B 275 31.92 -11.01 -0.86
C VAL B 275 33.08 -10.44 -0.07
N SER B 276 33.59 -11.16 0.93
CA SER B 276 34.74 -10.71 1.70
C SER B 276 35.99 -11.53 1.41
N GLN B 277 35.93 -12.43 0.44
CA GLN B 277 37.09 -13.22 0.06
C GLN B 277 38.07 -12.35 -0.73
N PRO B 278 39.35 -12.70 -0.71
CA PRO B 278 40.34 -11.93 -1.48
C PRO B 278 40.16 -12.15 -2.98
N GLY B 279 40.81 -11.29 -3.76
CA GLY B 279 40.80 -11.42 -5.19
C GLY B 279 39.59 -10.84 -5.89
N LEU B 280 38.73 -10.12 -5.18
CA LEU B 280 37.55 -9.49 -5.77
C LEU B 280 37.92 -8.06 -6.17
N ASN B 281 37.94 -7.79 -7.47
CA ASN B 281 38.37 -6.48 -7.97
C ASN B 281 37.84 -6.28 -9.38
N ARG B 282 37.96 -5.03 -9.87
CA ARG B 282 37.44 -4.69 -11.18
C ARG B 282 38.14 -5.44 -12.31
N GLY B 283 39.36 -5.94 -12.08
CA GLY B 283 40.04 -6.76 -13.06
C GLY B 283 39.23 -7.97 -13.49
N LEU B 284 38.32 -8.44 -12.64
CA LEU B 284 37.45 -9.54 -13.01
C LEU B 284 36.45 -9.12 -14.08
N ILE B 285 35.95 -7.89 -13.98
CA ILE B 285 34.98 -7.41 -14.96
C ILE B 285 35.69 -6.93 -16.22
N LEU B 286 36.92 -6.43 -16.08
CA LEU B 286 37.76 -6.20 -17.25
C LEU B 286 37.94 -7.49 -18.03
N ASP B 287 38.16 -8.61 -17.34
CA ASP B 287 38.19 -9.91 -18.01
C ASP B 287 36.87 -10.19 -18.72
N LEU B 288 35.75 -9.95 -18.02
CA LEU B 288 34.45 -10.10 -18.66
C LEU B 288 34.33 -9.19 -19.87
N LEU B 289 34.72 -7.91 -19.73
CA LEU B 289 34.62 -6.98 -20.84
C LEU B 289 35.53 -7.40 -21.99
N ASP B 290 36.59 -8.18 -21.70
CA ASP B 290 37.40 -8.72 -22.77
C ASP B 290 36.65 -9.81 -23.54
N LYS B 291 35.84 -10.59 -22.82
CA LYS B 291 35.09 -11.67 -23.45
C LYS B 291 34.08 -11.12 -24.46
N LEU B 292 33.33 -10.09 -24.06
CA LEU B 292 32.34 -9.49 -24.96
C LEU B 292 32.99 -8.88 -26.19
N LYS B 293 34.23 -8.40 -26.05
CA LYS B 293 34.98 -7.84 -27.18
C LYS B 293 35.55 -8.94 -28.07
N ASN B 294 35.96 -10.07 -27.49
CA ASN B 294 36.68 -11.10 -28.23
C ASN B 294 35.83 -12.30 -28.65
N GLY B 295 34.59 -12.40 -28.16
CA GLY B 295 33.75 -13.57 -28.44
C GLY B 295 33.07 -13.51 -29.81
C4 2TR C . -31.10 11.79 9.00
C6 2TR C . -29.95 10.88 8.91
C7 2TR C . -28.78 11.18 9.61
C8 2TR C . -27.67 10.33 9.52
C10 2TR C . -28.91 8.89 8.01
C13 2TR C . -28.95 7.66 7.16
C17 2TR C . -28.03 6.24 5.44
C20 2TR C . -27.15 5.66 4.35
C21 2TR C . -25.80 5.22 4.95
C22 2TR C . -24.75 6.25 4.45
C24 2TR C . -26.82 6.61 3.18
C26 2TR C . -27.92 4.44 3.85
C1 2TR C . -33.35 12.44 9.68
C11 2TR C . -30.00 9.74 8.11
C14 2TR C . -29.98 6.74 7.31
C16 2TR C . -29.10 5.37 5.64
C18 2TR C . -27.96 7.39 6.20
C23 2TR C . -25.28 6.66 3.07
C3 2TR C . -32.43 10.17 10.29
C9 2TR C . -27.74 9.20 8.74
F12 2TR C . -31.15 9.47 7.44
N15 2TR C . -30.03 5.66 6.56
N2 2TR C . -32.25 11.47 9.64
N27 2TR C . -29.02 4.26 4.80
N28 2TR C . -28.73 12.33 10.39
O25 2TR C . -24.79 5.72 2.11
O5 2TR C . -31.00 12.89 8.47
CL19 2TR C . -26.64 8.49 5.95
C4 2TR D . 24.40 1.58 -24.49
C6 2TR D . 23.84 1.51 -23.13
C7 2TR D . 23.06 0.40 -22.76
C8 2TR D . 22.52 0.35 -21.48
C10 2TR D . 23.48 2.52 -20.95
C13 2TR D . 23.67 3.58 -19.93
C17 2TR D . 22.84 5.18 -18.32
C20 2TR D . 21.96 6.02 -17.41
C21 2TR D . 21.56 5.17 -16.18
C22 2TR D . 20.05 5.41 -15.93
C24 2TR D . 20.67 6.57 -18.03
C26 2TR D . 22.88 7.14 -16.93
C1 2TR D . 26.21 1.55 -26.13
C11 2TR D . 24.04 2.57 -22.22
C14 2TR D . 24.96 4.00 -19.60
C16 2TR D . 24.15 5.54 -18.04
C18 2TR D . 22.59 4.19 -19.26
C23 2TR D . 19.50 5.85 -17.30
C3 2TR D . 26.68 1.23 -23.66
C9 2TR D . 22.74 1.38 -20.59
F12 2TR D . 24.80 3.63 -22.61
N15 2TR D . 25.15 4.95 -18.70
N2 2TR D . 25.73 1.46 -24.74
N27 2TR D . 24.20 6.53 -17.06
N28 2TR D . 22.85 -0.64 -23.64
O25 2TR D . 18.42 6.75 -17.10
O5 2TR D . 23.64 1.77 -25.42
CL19 2TR D . 20.95 3.73 -19.61
#